data_6FSW
#
_entry.id   6FSW
#
_cell.length_a   33.810
_cell.length_b   44.520
_cell.length_c   54.710
_cell.angle_alpha   75.08
_cell.angle_beta   84.52
_cell.angle_gamma   69.72
#
_symmetry.space_group_name_H-M   'P 1'
#
loop_
_entity.id
_entity.type
_entity.pdbx_description
1 polymer 'Ribosome maturation protein SDO1-like protein'
2 non-polymer DI(HYDROXYETHYL)ETHER
3 water water
#
_entity_poly.entity_id   1
_entity_poly.type   'polypeptide(L)'
_entity_poly.pdbx_seq_one_letter_code
;GHMVSLDKAVIARLRKGGEEFEVLVDPYLARDLKEGKEVNFEDLLAAEEVFKDAKKGERASVDELRKIFGTDDVFEIARK
IILEGEVQITAEQRREMLEAKRKQIINFISRNTIDPRTNAPHPPSRIERALEEAKVHIDIFKSVEAQVKDIVKALKPILP
LKFEEMEIAIKIPPEHTGRAISALYNFGGVTREEWQRDGSWICVMRIPSGMYGDLMDLLGKVAKGEALTKVLRRIG
;
_entity_poly.pdbx_strand_id   A
#
# COMPACT_ATOMS: atom_id res chain seq x y z
N SER A 5 17.81 -21.30 -0.53
CA SER A 5 16.38 -21.10 -0.73
C SER A 5 15.57 -21.59 0.46
N LEU A 6 16.05 -22.65 1.10
CA LEU A 6 15.29 -23.38 2.10
C LEU A 6 15.75 -23.10 3.53
N ASP A 7 16.83 -22.36 3.72
CA ASP A 7 17.02 -21.66 4.98
C ASP A 7 16.16 -20.41 5.03
N LYS A 8 15.65 -19.95 3.89
CA LYS A 8 14.86 -18.73 3.82
C LYS A 8 13.35 -18.97 3.86
N ALA A 9 12.89 -20.18 3.52
CA ALA A 9 11.47 -20.42 3.43
C ALA A 9 10.86 -20.68 4.80
N VAL A 10 9.56 -20.43 4.91
CA VAL A 10 8.85 -20.76 6.13
C VAL A 10 7.69 -21.68 5.74
N ILE A 11 7.13 -22.36 6.73
CA ILE A 11 6.01 -23.26 6.51
C ILE A 11 4.71 -22.47 6.56
N ALA A 12 3.84 -22.66 5.55
CA ALA A 12 2.43 -22.31 5.63
C ALA A 12 1.63 -23.60 5.73
N ARG A 13 0.68 -23.66 6.67
CA ARG A 13 0.04 -24.94 6.98
C ARG A 13 -1.46 -24.77 7.14
N LEU A 14 -2.19 -25.84 6.80
CA LEU A 14 -3.64 -25.85 6.85
C LEU A 14 -4.11 -27.25 7.21
N ARG A 15 -5.06 -27.34 8.13
CA ARG A 15 -5.75 -28.60 8.39
C ARG A 15 -6.99 -28.69 7.52
N LYS A 16 -7.15 -29.81 6.80
CA LYS A 16 -8.37 -29.99 6.02
C LYS A 16 -8.69 -31.47 5.92
N GLY A 17 -9.97 -31.81 6.11
CA GLY A 17 -10.37 -33.20 6.02
C GLY A 17 -9.66 -34.11 7.00
N GLY A 18 -9.27 -33.57 8.14
CA GLY A 18 -8.51 -34.35 9.09
C GLY A 18 -7.08 -34.62 8.69
N GLU A 19 -6.54 -33.90 7.72
CA GLU A 19 -5.14 -34.04 7.34
C GLU A 19 -4.46 -32.69 7.39
N GLU A 20 -3.16 -32.73 7.68
CA GLU A 20 -2.30 -31.57 7.75
C GLU A 20 -1.57 -31.37 6.43
N PHE A 21 -1.61 -30.14 5.91
CA PHE A 21 -0.93 -29.85 4.65
C PHE A 21 -0.06 -28.63 4.82
N GLU A 22 1.12 -28.66 4.20
CA GLU A 22 2.13 -27.63 4.38
C GLU A 22 2.79 -27.33 3.05
N VAL A 23 3.14 -26.05 2.86
CA VAL A 23 4.01 -25.63 1.77
C VAL A 23 5.11 -24.78 2.35
N LEU A 24 6.22 -24.74 1.62
CA LEU A 24 7.40 -23.98 1.98
C LEU A 24 7.44 -22.75 1.09
N VAL A 25 7.34 -21.57 1.70
CA VAL A 25 7.12 -20.33 0.96
C VAL A 25 8.09 -19.28 1.42
N ASP A 26 8.38 -18.32 0.54
CA ASP A 26 9.00 -17.03 0.87
C ASP A 26 8.05 -16.23 1.76
N PRO A 27 8.42 -15.92 3.00
CA PRO A 27 7.48 -15.25 3.90
C PRO A 27 7.07 -13.87 3.41
N TYR A 28 7.92 -13.18 2.64
CA TYR A 28 7.57 -11.83 2.21
C TYR A 28 6.59 -11.85 1.05
N LEU A 29 6.70 -12.84 0.15
CA LEU A 29 5.70 -12.95 -0.90
C LEU A 29 4.39 -13.58 -0.40
N ALA A 30 4.46 -14.45 0.61
CA ALA A 30 3.23 -14.92 1.23
C ALA A 30 2.45 -13.75 1.85
N ARG A 31 3.16 -12.82 2.50
CA ARG A 31 2.47 -11.64 3.03
CA ARG A 31 2.46 -11.66 3.03
C ARG A 31 1.78 -10.87 1.91
N ASP A 32 2.48 -10.67 0.78
CA ASP A 32 1.88 -9.96 -0.35
C ASP A 32 0.61 -10.63 -0.82
N LEU A 33 0.62 -11.97 -0.92
CA LEU A 33 -0.56 -12.69 -1.35
C LEU A 33 -1.72 -12.50 -0.38
N LYS A 34 -1.44 -12.54 0.92
CA LYS A 34 -2.50 -12.35 1.90
C LYS A 34 -3.04 -10.93 1.88
N GLU A 35 -2.20 -9.95 1.52
CA GLU A 35 -2.63 -8.56 1.38
C GLU A 35 -3.43 -8.31 0.10
N GLY A 36 -3.37 -9.22 -0.87
CA GLY A 36 -4.14 -9.09 -2.09
C GLY A 36 -3.35 -8.67 -3.31
N LYS A 37 -2.03 -8.66 -3.24
CA LYS A 37 -1.23 -8.27 -4.38
C LYS A 37 -0.99 -9.45 -5.31
N GLU A 38 -0.72 -9.14 -6.56
CA GLU A 38 -0.34 -10.16 -7.51
C GLU A 38 1.06 -10.67 -7.17
N VAL A 39 1.23 -11.99 -7.23
CA VAL A 39 2.46 -12.64 -6.80
C VAL A 39 2.86 -13.66 -7.85
N ASN A 40 4.15 -13.70 -8.18
CA ASN A 40 4.68 -14.72 -9.07
C ASN A 40 4.83 -16.02 -8.27
N PHE A 41 4.09 -17.07 -8.66
CA PHE A 41 4.10 -18.27 -7.82
C PHE A 41 5.40 -19.06 -7.95
N GLU A 42 6.17 -18.86 -9.02
CA GLU A 42 7.49 -19.49 -9.10
C GLU A 42 8.46 -18.93 -8.06
N ASP A 43 8.30 -17.66 -7.67
CA ASP A 43 9.18 -17.13 -6.62
C ASP A 43 8.65 -17.42 -5.22
N LEU A 44 7.34 -17.57 -5.07
CA LEU A 44 6.72 -17.74 -3.77
C LEU A 44 7.09 -19.08 -3.13
N LEU A 45 7.00 -20.17 -3.89
CA LEU A 45 7.25 -21.50 -3.34
C LEU A 45 8.72 -21.88 -3.46
N ALA A 46 9.27 -22.46 -2.38
CA ALA A 46 10.64 -22.96 -2.36
C ALA A 46 10.75 -24.36 -2.93
N ALA A 47 9.61 -25.02 -3.14
CA ALA A 47 9.50 -26.36 -3.69
C ALA A 47 8.08 -26.45 -4.24
N GLU A 48 7.93 -26.92 -5.48
CA GLU A 48 6.59 -27.06 -6.05
C GLU A 48 6.01 -28.39 -5.59
N GLU A 49 5.64 -28.41 -4.31
CA GLU A 49 5.15 -29.62 -3.66
C GLU A 49 4.23 -29.20 -2.53
N VAL A 50 3.25 -30.05 -2.22
CA VAL A 50 2.48 -29.99 -0.99
C VAL A 50 2.94 -31.14 -0.09
N PHE A 51 3.27 -30.81 1.16
CA PHE A 51 3.74 -31.79 2.12
C PHE A 51 2.67 -32.12 3.14
N LYS A 52 2.73 -33.34 3.67
CA LYS A 52 2.07 -33.66 4.93
C LYS A 52 2.93 -33.25 6.12
N ASP A 53 4.25 -33.24 5.93
CA ASP A 53 5.20 -32.78 6.94
C ASP A 53 6.41 -32.23 6.17
N ALA A 54 6.50 -30.90 6.08
CA ALA A 54 7.57 -30.31 5.27
C ALA A 54 8.95 -30.55 5.89
N LYS A 55 9.04 -30.60 7.22
CA LYS A 55 10.35 -30.79 7.86
C LYS A 55 10.93 -32.17 7.55
N LYS A 56 10.14 -33.23 7.66
CA LYS A 56 10.63 -34.57 7.33
C LYS A 56 10.58 -34.86 5.84
N GLY A 57 10.08 -33.91 5.04
CA GLY A 57 10.04 -34.09 3.60
C GLY A 57 8.97 -35.02 3.09
N GLU A 58 7.96 -35.33 3.90
CA GLU A 58 6.90 -36.26 3.53
C GLU A 58 5.93 -35.56 2.59
N ARG A 59 5.87 -36.00 1.34
CA ARG A 59 5.08 -35.35 0.32
C ARG A 59 3.67 -35.92 0.26
N ALA A 60 2.69 -35.04 0.10
CA ALA A 60 1.32 -35.46 -0.13
C ALA A 60 1.17 -36.03 -1.54
N SER A 61 0.37 -37.07 -1.68
CA SER A 61 0.24 -37.77 -2.95
C SER A 61 -0.80 -37.07 -3.81
N VAL A 62 -0.73 -37.30 -5.12
CA VAL A 62 -1.68 -36.70 -6.05
C VAL A 62 -3.10 -37.13 -5.70
N ASP A 63 -3.28 -38.42 -5.41
CA ASP A 63 -4.61 -38.92 -5.04
C ASP A 63 -5.13 -38.23 -3.77
N GLU A 64 -4.28 -38.07 -2.76
CA GLU A 64 -4.75 -37.41 -1.55
C GLU A 64 -5.12 -35.96 -1.80
N LEU A 65 -4.31 -35.22 -2.58
CA LEU A 65 -4.65 -33.84 -2.89
C LEU A 65 -5.96 -33.75 -3.69
N ARG A 66 -6.15 -34.64 -4.67
CA ARG A 66 -7.40 -34.64 -5.43
C ARG A 66 -8.59 -34.89 -4.53
N LYS A 67 -8.47 -35.83 -3.60
CA LYS A 67 -9.57 -36.12 -2.68
C LYS A 67 -9.90 -34.91 -1.82
N ILE A 68 -8.88 -34.31 -1.20
CA ILE A 68 -9.12 -33.25 -0.22
C ILE A 68 -9.41 -31.92 -0.88
N PHE A 69 -8.62 -31.54 -1.90
CA PHE A 69 -8.72 -30.21 -2.49
C PHE A 69 -9.48 -30.18 -3.81
N GLY A 70 -9.84 -31.34 -4.36
CA GLY A 70 -10.50 -31.34 -5.65
C GLY A 70 -9.61 -31.01 -6.82
N THR A 71 -8.29 -31.03 -6.63
CA THR A 71 -7.35 -30.65 -7.67
C THR A 71 -5.97 -31.17 -7.28
N ASP A 72 -5.11 -31.32 -8.29
CA ASP A 72 -3.71 -31.62 -8.04
C ASP A 72 -2.78 -30.45 -8.32
N ASP A 73 -3.33 -29.29 -8.70
CA ASP A 73 -2.49 -28.14 -9.06
C ASP A 73 -1.82 -27.58 -7.81
N VAL A 74 -0.49 -27.73 -7.71
CA VAL A 74 0.20 -27.33 -6.49
C VAL A 74 0.05 -25.82 -6.25
N PHE A 75 0.17 -25.00 -7.29
CA PHE A 75 0.03 -23.56 -7.10
C PHE A 75 -1.34 -23.20 -6.51
N GLU A 76 -2.42 -23.82 -7.00
CA GLU A 76 -3.73 -23.46 -6.48
C GLU A 76 -3.96 -23.96 -5.07
N ILE A 77 -3.40 -25.11 -4.72
CA ILE A 77 -3.48 -25.59 -3.34
C ILE A 77 -2.63 -24.69 -2.43
N ALA A 78 -1.44 -24.29 -2.90
CA ALA A 78 -0.62 -23.38 -2.10
C ALA A 78 -1.35 -22.08 -1.83
N ARG A 79 -2.06 -21.55 -2.83
CA ARG A 79 -2.79 -20.32 -2.58
C ARG A 79 -3.81 -20.52 -1.46
N LYS A 80 -4.53 -21.65 -1.48
CA LYS A 80 -5.56 -21.88 -0.46
C LYS A 80 -4.93 -22.08 0.91
N ILE A 81 -3.81 -22.80 0.98
CA ILE A 81 -3.14 -22.99 2.26
C ILE A 81 -2.70 -21.65 2.84
N ILE A 82 -2.18 -20.76 1.99
CA ILE A 82 -1.65 -19.50 2.53
C ILE A 82 -2.78 -18.57 2.96
N LEU A 83 -3.84 -18.48 2.15
CA LEU A 83 -4.91 -17.55 2.48
C LEU A 83 -5.75 -18.07 3.65
N GLU A 84 -5.97 -19.37 3.75
CA GLU A 84 -6.84 -19.91 4.78
C GLU A 84 -6.10 -20.53 5.95
N GLY A 85 -4.80 -20.79 5.82
CA GLY A 85 -4.03 -21.39 6.88
C GLY A 85 -3.25 -20.36 7.67
N GLU A 86 -2.14 -20.81 8.26
CA GLU A 86 -1.25 -19.95 9.04
C GLU A 86 0.13 -19.96 8.40
N VAL A 87 0.70 -18.79 8.18
CA VAL A 87 2.08 -18.64 7.74
C VAL A 87 2.97 -18.49 8.97
N GLN A 88 3.93 -19.39 9.15
CA GLN A 88 4.78 -19.41 10.34
C GLN A 88 6.00 -18.50 10.14
N ILE A 89 5.73 -17.20 10.05
CA ILE A 89 6.84 -16.26 9.96
C ILE A 89 7.51 -16.20 11.32
N THR A 90 8.80 -15.88 11.31
CA THR A 90 9.55 -15.78 12.55
C THR A 90 9.18 -14.49 13.30
N ALA A 91 9.60 -14.43 14.57
CA ALA A 91 9.33 -13.22 15.36
C ALA A 91 10.01 -12.00 14.76
N GLU A 92 11.24 -12.17 14.25
CA GLU A 92 11.98 -11.06 13.66
C GLU A 92 11.38 -10.63 12.33
N GLN A 93 10.87 -11.59 11.52
CA GLN A 93 10.19 -11.22 10.28
C GLN A 93 8.90 -10.47 10.59
N ARG A 94 8.18 -10.89 11.64
CA ARG A 94 6.94 -10.20 11.98
C ARG A 94 7.22 -8.77 12.43
N ARG A 95 8.29 -8.58 13.20
CA ARG A 95 8.68 -7.23 13.62
C ARG A 95 9.04 -6.36 12.41
N GLU A 96 9.80 -6.93 11.47
CA GLU A 96 10.21 -6.14 10.30
C GLU A 96 9.02 -5.79 9.42
N MET A 97 8.10 -6.74 9.23
CA MET A 97 6.92 -6.46 8.41
C MET A 97 6.00 -5.46 9.11
N LEU A 98 5.87 -5.58 10.43
CA LEU A 98 5.05 -4.62 11.17
C LEU A 98 5.60 -3.21 11.07
N GLU A 99 6.92 -3.05 11.22
CA GLU A 99 7.52 -1.73 11.14
C GLU A 99 7.32 -1.11 9.75
N ALA A 100 7.43 -1.92 8.69
CA ALA A 100 7.26 -1.41 7.33
C ALA A 100 5.82 -1.01 7.04
N LYS A 101 4.86 -1.83 7.48
CA LYS A 101 3.45 -1.51 7.25
C LYS A 101 3.03 -0.29 8.07
N ARG A 102 3.51 -0.19 9.31
CA ARG A 102 3.27 1.01 10.10
C ARG A 102 3.79 2.26 9.40
N LYS A 103 5.00 2.17 8.83
CA LYS A 103 5.56 3.34 8.14
C LYS A 103 4.68 3.74 6.97
N GLN A 104 4.21 2.77 6.19
CA GLN A 104 3.38 3.10 5.03
C GLN A 104 2.05 3.70 5.44
N ILE A 105 1.47 3.23 6.55
CA ILE A 105 0.22 3.78 7.03
C ILE A 105 0.41 5.22 7.49
N ILE A 106 1.46 5.46 8.28
CA ILE A 106 1.77 6.82 8.74
C ILE A 106 1.93 7.76 7.56
N ASN A 107 2.72 7.37 6.57
CA ASN A 107 2.97 8.26 5.45
C ASN A 107 1.71 8.50 4.65
N PHE A 108 0.92 7.45 4.41
CA PHE A 108 -0.34 7.63 3.70
C PHE A 108 -1.27 8.59 4.44
N ILE A 109 -1.35 8.48 5.77
CA ILE A 109 -2.21 9.36 6.55
C ILE A 109 -1.70 10.80 6.47
N SER A 110 -0.39 10.97 6.58
CA SER A 110 0.21 12.30 6.49
C SER A 110 -0.08 12.96 5.15
N ARG A 111 0.02 12.20 4.06
CA ARG A 111 -0.19 12.73 2.71
C ARG A 111 -1.66 13.02 2.40
N ASN A 112 -2.58 12.21 2.91
CA ASN A 112 -3.97 12.26 2.45
C ASN A 112 -4.95 12.89 3.43
N THR A 113 -4.51 13.27 4.62
CA THR A 113 -5.39 13.94 5.56
C THR A 113 -4.84 15.33 5.85
N ILE A 114 -5.70 16.17 6.41
CA ILE A 114 -5.32 17.48 6.92
C ILE A 114 -5.91 17.62 8.31
N ASP A 115 -5.27 18.46 9.11
CA ASP A 115 -5.82 18.86 10.40
C ASP A 115 -6.96 19.84 10.14
N PRO A 116 -8.21 19.52 10.48
CA PRO A 116 -9.29 20.49 10.23
C PRO A 116 -9.07 21.83 10.90
N ARG A 117 -8.29 21.88 11.97
CA ARG A 117 -7.99 23.15 12.62
C ARG A 117 -7.12 24.03 11.72
N THR A 118 -5.96 23.50 11.31
CA THR A 118 -4.94 24.27 10.63
C THR A 118 -4.96 24.08 9.12
N ASN A 119 -5.79 23.17 8.61
CA ASN A 119 -5.94 22.88 7.18
C ASN A 119 -4.65 22.40 6.54
N ALA A 120 -3.68 21.98 7.35
CA ALA A 120 -2.36 21.54 6.92
C ALA A 120 -2.15 20.10 7.34
N PRO A 121 -1.23 19.37 6.68
CA PRO A 121 -0.98 17.99 7.08
C PRO A 121 -0.26 17.96 8.41
N HIS A 122 -0.43 16.86 9.12
CA HIS A 122 0.42 16.59 10.26
C HIS A 122 1.70 15.91 9.80
N PRO A 123 2.81 16.15 10.50
CA PRO A 123 4.05 15.45 10.16
C PRO A 123 3.92 13.96 10.45
N PRO A 124 4.69 13.12 9.76
CA PRO A 124 4.67 11.68 10.06
C PRO A 124 4.94 11.36 11.53
N SER A 125 5.82 12.11 12.18
CA SER A 125 6.15 11.82 13.57
C SER A 125 5.01 12.19 14.51
N ARG A 126 4.08 13.06 14.08
CA ARG A 126 2.88 13.31 14.86
C ARG A 126 1.90 12.15 14.74
N ILE A 127 1.70 11.63 13.53
CA ILE A 127 0.83 10.48 13.36
C ILE A 127 1.37 9.29 14.12
N GLU A 128 2.70 9.10 14.08
CA GLU A 128 3.31 7.97 14.78
C GLU A 128 3.04 8.03 16.28
N ARG A 129 3.25 9.21 16.88
CA ARG A 129 2.94 9.37 18.31
C ARG A 129 1.46 9.08 18.60
N ALA A 130 0.56 9.52 17.73
CA ALA A 130 -0.87 9.30 17.97
C ALA A 130 -1.23 7.82 17.83
N LEU A 131 -0.61 7.12 16.87
CA LEU A 131 -0.83 5.68 16.74
C LEU A 131 -0.51 4.97 18.06
N GLU A 132 0.66 5.26 18.64
CA GLU A 132 1.03 4.65 19.92
C GLU A 132 0.12 5.13 21.06
N GLU A 133 -0.15 6.44 21.11
CA GLU A 133 -1.08 6.96 22.11
C GLU A 133 -2.41 6.21 22.08
N ALA A 134 -2.96 5.99 20.89
CA ALA A 134 -4.26 5.31 20.76
C ALA A 134 -4.15 3.79 20.83
N LYS A 135 -2.93 3.24 20.88
CA LYS A 135 -2.71 1.79 20.89
C LYS A 135 -3.39 1.12 19.68
N VAL A 136 -3.08 1.64 18.50
CA VAL A 136 -3.66 1.16 17.26
C VAL A 136 -3.00 -0.15 16.86
N HIS A 137 -3.80 -1.19 16.65
CA HIS A 137 -3.30 -2.44 16.10
C HIS A 137 -3.13 -2.30 14.59
N ILE A 138 -1.98 -2.71 14.10
CA ILE A 138 -1.66 -2.66 12.68
C ILE A 138 -1.59 -4.11 12.18
N ASP A 139 -2.24 -4.38 11.05
CA ASP A 139 -2.38 -5.73 10.48
C ASP A 139 -1.38 -5.91 9.34
N ILE A 140 -0.38 -6.77 9.53
CA ILE A 140 0.61 -6.90 8.47
C ILE A 140 0.11 -7.63 7.23
N PHE A 141 -1.07 -8.26 7.29
CA PHE A 141 -1.62 -8.99 6.16
C PHE A 141 -2.76 -8.25 5.46
N LYS A 142 -2.89 -6.96 5.69
CA LYS A 142 -3.88 -6.13 5.01
C LYS A 142 -3.17 -4.94 4.38
N SER A 143 -3.66 -4.48 3.24
CA SER A 143 -3.07 -3.31 2.61
C SER A 143 -3.32 -2.07 3.44
N VAL A 144 -2.61 -0.99 3.11
CA VAL A 144 -2.89 0.30 3.75
C VAL A 144 -4.34 0.70 3.52
N GLU A 145 -4.78 0.68 2.25
CA GLU A 145 -6.13 1.13 1.91
C GLU A 145 -7.19 0.34 2.65
N ALA A 146 -6.96 -0.95 2.85
CA ALA A 146 -7.92 -1.82 3.53
C ALA A 146 -8.09 -1.48 5.01
N GLN A 147 -7.13 -0.80 5.64
CA GLN A 147 -7.26 -0.54 7.07
C GLN A 147 -7.16 0.92 7.50
N VAL A 148 -6.90 1.85 6.58
CA VAL A 148 -6.56 3.21 7.01
C VAL A 148 -7.77 4.03 7.45
N LYS A 149 -8.99 3.68 7.02
CA LYS A 149 -10.14 4.42 7.51
C LYS A 149 -10.41 4.06 8.97
N ASP A 150 -10.38 2.77 9.29
CA ASP A 150 -10.54 2.34 10.68
C ASP A 150 -9.47 2.97 11.59
N ILE A 151 -8.22 2.99 11.15
CA ILE A 151 -7.18 3.60 11.97
C ILE A 151 -7.49 5.08 12.19
N VAL A 152 -7.86 5.80 11.12
CA VAL A 152 -8.13 7.23 11.22
C VAL A 152 -9.29 7.50 12.16
N LYS A 153 -10.29 6.60 12.18
CA LYS A 153 -11.39 6.73 13.13
C LYS A 153 -10.89 6.59 14.57
N ALA A 154 -10.08 5.55 14.84
CA ALA A 154 -9.50 5.39 16.17
C ALA A 154 -8.61 6.57 16.58
N LEU A 155 -8.12 7.38 15.64
CA LEU A 155 -7.28 8.50 16.02
C LEU A 155 -8.06 9.77 16.34
N LYS A 156 -9.28 9.90 15.84
CA LYS A 156 -9.98 11.17 15.91
C LYS A 156 -10.25 11.69 17.32
N PRO A 157 -10.40 10.85 18.37
CA PRO A 157 -10.57 11.43 19.71
C PRO A 157 -9.40 12.28 20.16
N ILE A 158 -8.18 11.90 19.79
CA ILE A 158 -6.98 12.58 20.26
C ILE A 158 -6.35 13.46 19.20
N LEU A 159 -6.45 13.08 17.93
CA LEU A 159 -5.87 13.84 16.83
C LEU A 159 -6.94 13.95 15.75
N PRO A 160 -7.64 15.07 15.68
CA PRO A 160 -8.62 15.24 14.60
C PRO A 160 -7.94 15.28 13.24
N LEU A 161 -8.50 14.54 12.29
CA LEU A 161 -7.98 14.59 10.93
C LEU A 161 -9.07 14.12 10.00
N LYS A 162 -9.01 14.58 8.74
CA LYS A 162 -10.04 14.27 7.77
C LYS A 162 -9.44 14.14 6.38
N PHE A 163 -9.91 13.13 5.64
CA PHE A 163 -9.50 12.93 4.26
C PHE A 163 -10.16 14.00 3.39
N GLU A 164 -9.37 14.63 2.53
CA GLU A 164 -9.90 15.68 1.67
C GLU A 164 -9.00 15.77 0.45
N GLU A 165 -9.61 16.04 -0.71
CA GLU A 165 -8.89 16.34 -1.94
C GLU A 165 -9.17 17.78 -2.37
N MET A 166 -8.31 18.31 -3.23
CA MET A 166 -8.51 19.63 -3.81
C MET A 166 -8.38 19.53 -5.33
N GLU A 167 -9.16 20.35 -6.04
CA GLU A 167 -8.91 20.60 -7.45
C GLU A 167 -8.40 22.02 -7.60
N ILE A 168 -7.29 22.16 -8.29
CA ILE A 168 -6.59 23.44 -8.38
C ILE A 168 -6.30 23.67 -9.85
N ALA A 169 -6.84 24.76 -10.40
CA ALA A 169 -6.55 25.14 -11.78
C ALA A 169 -5.17 25.79 -11.87
N ILE A 170 -4.43 25.44 -12.91
CA ILE A 170 -3.05 25.87 -13.09
C ILE A 170 -2.87 26.42 -14.50
N LYS A 171 -2.13 27.53 -14.62
CA LYS A 171 -1.67 28.02 -15.90
C LYS A 171 -0.17 28.23 -15.84
N ILE A 172 0.55 27.67 -16.80
CA ILE A 172 2.01 27.80 -16.90
C ILE A 172 2.33 28.70 -18.09
N PRO A 173 2.98 29.84 -17.90
CA PRO A 173 3.37 30.71 -19.02
C PRO A 173 4.29 29.98 -19.99
N PRO A 174 4.32 30.41 -21.25
CA PRO A 174 5.13 29.67 -22.26
C PRO A 174 6.60 29.56 -21.89
N GLU A 175 7.13 30.56 -21.19
CA GLU A 175 8.54 30.58 -20.82
C GLU A 175 8.92 29.39 -19.93
N HIS A 176 7.98 28.87 -19.13
CA HIS A 176 8.30 27.91 -18.08
C HIS A 176 7.72 26.53 -18.33
N THR A 177 7.12 26.27 -19.48
CA THR A 177 6.47 24.99 -19.71
C THR A 177 7.47 23.85 -19.78
N GLY A 178 8.65 24.09 -20.36
CA GLY A 178 9.62 23.01 -20.51
C GLY A 178 9.90 22.28 -19.21
N ARG A 179 10.17 23.04 -18.14
CA ARG A 179 10.41 22.44 -16.83
C ARG A 179 9.10 22.10 -16.12
N ALA A 180 8.08 22.95 -16.21
CA ALA A 180 6.95 22.84 -15.30
C ALA A 180 6.09 21.63 -15.63
N ILE A 181 5.79 21.40 -16.91
CA ILE A 181 4.81 20.36 -17.26
C ILE A 181 5.30 18.98 -16.84
N SER A 182 6.55 18.65 -17.17
CA SER A 182 7.10 17.36 -16.77
C SER A 182 7.02 17.16 -15.26
N ALA A 183 7.45 18.19 -14.51
CA ALA A 183 7.37 18.14 -13.06
C ALA A 183 5.94 17.85 -12.59
N LEU A 184 4.95 18.51 -13.20
CA LEU A 184 3.57 18.36 -12.75
C LEU A 184 3.05 16.94 -13.01
N TYR A 185 3.37 16.37 -14.17
CA TYR A 185 2.95 14.98 -14.41
C TYR A 185 3.58 14.04 -13.42
N ASN A 186 4.85 14.29 -13.07
CA ASN A 186 5.53 13.43 -12.11
C ASN A 186 4.96 13.57 -10.72
N PHE A 187 4.46 14.77 -10.38
CA PHE A 187 3.81 14.96 -9.09
C PHE A 187 2.53 14.16 -8.98
N GLY A 188 1.81 13.98 -10.08
CA GLY A 188 0.57 13.23 -10.18
C GLY A 188 -0.65 14.11 -10.02
N GLY A 189 -1.75 13.69 -10.65
CA GLY A 189 -3.01 14.37 -10.51
C GLY A 189 -3.38 15.31 -11.63
N VAL A 190 -2.56 15.41 -12.68
CA VAL A 190 -2.90 16.26 -13.83
C VAL A 190 -4.19 15.79 -14.51
N THR A 191 -5.14 16.70 -14.68
CA THR A 191 -6.38 16.43 -15.41
C THR A 191 -6.73 17.65 -16.28
N ARG A 192 -7.59 17.42 -17.29
CA ARG A 192 -8.12 18.49 -18.13
C ARG A 192 -7.01 19.39 -18.71
N GLU A 193 -5.87 18.77 -19.07
CA GLU A 193 -4.75 19.54 -19.61
C GLU A 193 -5.04 20.04 -21.02
N GLU A 194 -4.49 21.22 -21.35
CA GLU A 194 -4.80 21.83 -22.63
C GLU A 194 -3.70 22.81 -23.04
N TRP A 195 -3.00 22.52 -24.14
CA TRP A 195 -2.06 23.49 -24.70
C TRP A 195 -2.81 24.70 -25.26
N GLN A 196 -2.24 25.89 -25.09
CA GLN A 196 -2.82 27.12 -25.61
C GLN A 196 -2.01 27.61 -26.79
N ARG A 197 -2.64 28.43 -27.64
CA ARG A 197 -2.00 28.82 -28.89
C ARG A 197 -0.82 29.76 -28.64
N ASP A 198 -0.87 30.57 -27.58
CA ASP A 198 0.23 31.47 -27.25
C ASP A 198 1.42 30.78 -26.60
N GLY A 199 1.43 29.45 -26.55
CA GLY A 199 2.49 28.69 -25.90
C GLY A 199 2.24 28.35 -24.45
N SER A 200 1.23 28.95 -23.82
CA SER A 200 0.98 28.63 -22.42
C SER A 200 0.24 27.29 -22.32
N TRP A 201 0.07 26.81 -21.09
CA TRP A 201 -0.51 25.50 -20.85
C TRP A 201 -1.34 25.51 -19.59
N ILE A 202 -2.50 24.84 -19.60
CA ILE A 202 -3.39 24.83 -18.45
C ILE A 202 -3.76 23.40 -18.07
N CYS A 203 -4.16 23.23 -16.82
CA CYS A 203 -4.69 21.95 -16.35
C CYS A 203 -5.46 22.19 -15.06
N VAL A 204 -6.07 21.12 -14.56
CA VAL A 204 -6.63 21.08 -13.21
C VAL A 204 -5.92 19.95 -12.48
N MET A 205 -5.19 20.28 -11.41
CA MET A 205 -4.59 19.24 -10.58
C MET A 205 -5.62 18.77 -9.56
N ARG A 206 -5.84 17.46 -9.47
CA ARG A 206 -6.62 16.88 -8.37
C ARG A 206 -5.64 16.16 -7.46
N ILE A 207 -5.50 16.64 -6.23
CA ILE A 207 -4.48 16.15 -5.31
C ILE A 207 -5.07 15.95 -3.92
N PRO A 208 -4.44 15.09 -3.10
CA PRO A 208 -4.79 15.06 -1.68
C PRO A 208 -4.48 16.39 -1.02
N SER A 209 -5.39 16.85 -0.18
CA SER A 209 -5.24 18.19 0.38
C SER A 209 -3.98 18.33 1.21
N GLY A 210 -3.49 17.24 1.80
CA GLY A 210 -2.20 17.33 2.49
C GLY A 210 -0.98 17.44 1.57
N MET A 211 -1.16 17.38 0.25
CA MET A 211 -0.11 17.62 -0.75
C MET A 211 -0.08 19.07 -1.26
N TYR A 212 -1.01 19.90 -0.81
CA TYR A 212 -1.15 21.25 -1.37
C TYR A 212 0.14 22.04 -1.22
N GLY A 213 0.75 22.01 -0.03
CA GLY A 213 1.96 22.80 0.18
C GLY A 213 3.11 22.33 -0.68
N ASP A 214 3.24 21.02 -0.85
CA ASP A 214 4.27 20.49 -1.73
C ASP A 214 4.04 20.94 -3.16
N LEU A 215 2.78 20.93 -3.63
CA LEU A 215 2.52 21.37 -4.99
C LEU A 215 2.89 22.84 -5.18
N MET A 216 2.54 23.71 -4.22
CA MET A 216 2.87 25.12 -4.36
C MET A 216 4.38 25.35 -4.31
N ASP A 217 5.09 24.67 -3.42
CA ASP A 217 6.57 24.67 -3.46
C ASP A 217 7.07 24.29 -4.85
N LEU A 218 6.54 23.21 -5.41
CA LEU A 218 6.99 22.73 -6.73
C LEU A 218 6.80 23.78 -7.81
N LEU A 219 5.61 24.39 -7.86
CA LEU A 219 5.32 25.41 -8.86
C LEU A 219 6.19 26.65 -8.69
N GLY A 220 6.56 26.98 -7.45
CA GLY A 220 7.49 28.08 -7.24
C GLY A 220 8.84 27.80 -7.87
N LYS A 221 9.33 26.56 -7.74
CA LYS A 221 10.61 26.18 -8.31
C LYS A 221 10.54 26.16 -9.83
N VAL A 222 9.62 25.36 -10.38
CA VAL A 222 9.64 25.10 -11.82
C VAL A 222 9.08 26.25 -12.65
N ALA A 223 8.32 27.17 -12.07
CA ALA A 223 7.80 28.29 -12.84
C ALA A 223 8.29 29.64 -12.34
N LYS A 224 9.26 29.67 -11.41
CA LYS A 224 9.88 30.92 -10.97
C LYS A 224 8.84 31.91 -10.43
N GLY A 225 7.84 31.39 -9.72
CA GLY A 225 6.79 32.23 -9.20
C GLY A 225 5.82 32.76 -10.23
N GLU A 226 5.88 32.29 -11.48
CA GLU A 226 5.06 32.84 -12.56
C GLU A 226 3.81 32.00 -12.88
N ALA A 227 3.68 30.80 -12.33
CA ALA A 227 2.46 30.03 -12.56
C ALA A 227 1.29 30.71 -11.87
N LEU A 228 0.11 30.63 -12.49
CA LEU A 228 -1.12 31.10 -11.89
C LEU A 228 -1.96 29.92 -11.45
N THR A 229 -2.49 29.97 -10.22
CA THR A 229 -3.33 28.90 -9.70
C THR A 229 -4.64 29.46 -9.16
N LYS A 230 -5.63 28.59 -9.08
CA LYS A 230 -6.91 28.94 -8.48
C LYS A 230 -7.50 27.69 -7.83
N VAL A 231 -7.79 27.77 -6.54
CA VAL A 231 -8.48 26.66 -5.88
C VAL A 231 -9.93 26.61 -6.36
N LEU A 232 -10.32 25.49 -6.99
CA LEU A 232 -11.67 25.37 -7.52
C LEU A 232 -12.65 24.77 -6.52
N ARG A 233 -12.22 23.75 -5.78
CA ARG A 233 -13.09 22.86 -5.03
C ARG A 233 -12.24 22.13 -4.01
N ARG A 234 -12.79 21.91 -2.81
CA ARG A 234 -12.27 20.92 -1.88
C ARG A 234 -13.30 19.78 -1.82
N ILE A 235 -12.83 18.54 -1.84
CA ILE A 235 -13.72 17.37 -1.90
C ILE A 235 -13.50 16.50 -0.66
N GLY A 236 -14.48 16.46 0.22
CA GLY A 236 -14.40 15.63 1.42
C GLY A 236 -14.45 14.14 1.11
#